data_5AWZ
#
_entry.id   5AWZ
#
_cell.length_a   75.990
_cell.length_b   101.630
_cell.length_c   43.760
_cell.angle_alpha   90.00
_cell.angle_beta   119.17
_cell.angle_gamma   90.00
#
_symmetry.space_group_name_H-M   'C 1 2 1'
#
loop_
_entity.id
_entity.type
_entity.pdbx_description
1 polymer 'Rhodopsin I'
2 non-polymer RETINAL
3 non-polymer '(2S)-2,3-dihydroxypropyl (9Z)-octadec-9-enoate'
4 non-polymer DODECANE
5 non-polymer DECANE
6 non-polymer N-OCTANE
7 non-polymer TETRADECANE
8 water water
#
_entity_poly.entity_id   1
_entity_poly.type   'polypeptide(L)'
_entity_poly.pdbx_seq_one_letter_code
;GSSGSSGMSNPNPFQTTLGTDAQWVVFAVMALAAIVFSIAVQFRPLPLRLTYYVNIAICTIAATAYYAMAVNGGDNKPTA
GTGADERQVIYARYIDWVFTTPLLLLDLVLLTNMPATMIAWIMGADIAMIAFGIIGAFTVGSYKWFYFVVGCIMLAVLAW
GMINPIFKEELQKHKEYTGAYTTLLIYLIVLWVIYPIVWGLGAGGHIIGVDVEIIAMGILDLLAKPLYAIGVLITVEVVY
GKLG
;
_entity_poly.pdbx_strand_id   A
#
# COMPACT_ATOMS: atom_id res chain seq x y z
N SER A 9 4.69 7.32 -28.20
CA SER A 9 4.27 6.37 -27.18
C SER A 9 5.44 5.91 -26.33
N ASN A 10 5.14 5.20 -25.25
CA ASN A 10 6.13 4.75 -24.28
C ASN A 10 7.10 5.87 -23.87
N PRO A 11 6.57 7.02 -23.43
CA PRO A 11 7.44 8.15 -23.08
C PRO A 11 8.30 7.87 -21.84
N ASN A 12 9.50 8.44 -21.82
CA ASN A 12 10.41 8.38 -20.67
C ASN A 12 10.41 7.02 -19.95
N PRO A 13 10.80 5.97 -20.67
CA PRO A 13 10.61 4.59 -20.18
C PRO A 13 11.69 4.09 -19.23
N PHE A 14 12.56 4.99 -18.77
CA PHE A 14 13.59 4.60 -17.81
C PHE A 14 13.68 5.60 -16.68
N GLN A 15 13.98 5.11 -15.49
CA GLN A 15 14.18 5.99 -14.34
C GLN A 15 15.36 6.94 -14.58
N THR A 16 15.16 8.21 -14.25
CA THR A 16 16.24 9.19 -14.27
C THR A 16 16.47 9.73 -12.86
N THR A 17 17.36 10.71 -12.74
CA THR A 17 17.64 11.33 -11.46
C THR A 17 16.37 11.93 -10.82
N LEU A 18 15.41 12.33 -11.66
CA LEU A 18 14.14 12.84 -11.14
C LEU A 18 13.43 11.80 -10.26
N GLY A 19 13.37 10.56 -10.75
CA GLY A 19 12.71 9.50 -10.01
C GLY A 19 13.50 9.10 -8.78
N THR A 20 14.81 9.05 -8.94
CA THR A 20 15.71 8.71 -7.85
C THR A 20 15.58 9.70 -6.71
N ASP A 21 15.60 10.98 -7.04
CA ASP A 21 15.44 12.02 -6.02
C ASP A 21 14.12 11.87 -5.27
N ALA A 22 13.04 11.58 -5.99
CA ALA A 22 11.73 11.37 -5.36
C ALA A 22 11.76 10.21 -4.38
N GLN A 23 12.43 9.14 -4.76
CA GLN A 23 12.52 7.96 -3.90
C GLN A 23 13.32 8.23 -2.62
N TRP A 24 14.39 9.01 -2.72
CA TRP A 24 15.16 9.37 -1.52
C TRP A 24 14.33 10.19 -0.56
N VAL A 25 13.50 11.08 -1.10
CA VAL A 25 12.62 11.88 -0.23
C VAL A 25 11.62 10.97 0.50
N VAL A 26 11.00 10.04 -0.21
CA VAL A 26 10.03 9.15 0.42
C VAL A 26 10.72 8.25 1.43
N PHE A 27 11.91 7.75 1.08
CA PHE A 27 12.74 7.01 2.03
C PHE A 27 12.90 7.75 3.35
N ALA A 28 13.31 9.02 3.28
CA ALA A 28 13.56 9.82 4.48
C ALA A 28 12.30 9.94 5.33
N VAL A 29 11.17 10.17 4.69
CA VAL A 29 9.93 10.35 5.43
C VAL A 29 9.49 9.03 6.08
N MET A 30 9.59 7.93 5.34
CA MET A 30 9.21 6.62 5.90
C MET A 30 10.10 6.29 7.09
N ALA A 31 11.40 6.52 6.94
CA ALA A 31 12.35 6.23 8.00
C ALA A 31 12.04 7.07 9.24
N LEU A 32 11.79 8.37 9.03
CA LEU A 32 11.45 9.27 10.13
C LEU A 32 10.17 8.81 10.86
N ALA A 33 9.16 8.41 10.11
CA ALA A 33 7.92 7.96 10.72
C ALA A 33 8.17 6.74 11.60
N ALA A 34 8.94 5.78 11.08
CA ALA A 34 9.25 4.59 11.84
C ALA A 34 9.95 4.93 13.15
N ILE A 35 10.92 5.84 13.08
CA ILE A 35 11.67 6.27 14.27
C ILE A 35 10.75 6.98 15.27
N VAL A 36 9.93 7.89 14.77
CA VAL A 36 9.02 8.62 15.65
C VAL A 36 8.02 7.70 16.34
N PHE A 37 7.45 6.76 15.60
CA PHE A 37 6.50 5.82 16.19
C PHE A 37 7.19 4.93 17.22
N SER A 38 8.43 4.56 16.93
CA SER A 38 9.20 3.68 17.81
C SER A 38 9.54 4.36 19.13
N ILE A 39 9.75 5.67 19.09
CA ILE A 39 10.00 6.40 20.32
C ILE A 39 8.69 6.61 21.08
N ALA A 40 7.63 6.98 20.35
CA ALA A 40 6.33 7.24 20.95
C ALA A 40 5.78 6.05 21.74
N VAL A 41 5.88 4.85 21.18
CA VAL A 41 5.21 3.68 21.75
C VAL A 41 5.75 3.35 23.14
N GLN A 42 6.99 3.76 23.42
CA GLN A 42 7.61 3.60 24.73
C GLN A 42 6.82 4.28 25.83
N PHE A 43 6.04 5.28 25.46
CA PHE A 43 5.32 6.10 26.43
C PHE A 43 3.86 5.69 26.58
N ARG A 44 3.45 4.64 25.88
CA ARG A 44 2.03 4.32 25.82
C ARG A 44 1.74 3.03 26.57
N PRO A 45 0.53 2.93 27.15
CA PRO A 45 0.18 1.72 27.90
C PRO A 45 0.09 0.51 26.98
N LEU A 46 0.32 -0.67 27.56
CA LEU A 46 0.43 -1.91 26.81
C LEU A 46 -0.69 -2.18 25.79
N PRO A 47 -1.96 -1.92 26.15
CA PRO A 47 -3.01 -2.28 25.17
C PRO A 47 -2.91 -1.55 23.83
N LEU A 48 -2.18 -0.45 23.79
CA LEU A 48 -2.04 0.35 22.56
C LEU A 48 -0.86 -0.06 21.70
N ARG A 49 0.06 -0.83 22.27
CA ARG A 49 1.37 -0.95 21.66
C ARG A 49 1.36 -1.77 20.37
N LEU A 50 0.50 -2.79 20.29
CA LEU A 50 0.41 -3.57 19.05
C LEU A 50 0.11 -2.68 17.85
N THR A 51 -0.81 -1.74 18.02
CA THR A 51 -1.15 -0.85 16.92
C THR A 51 0.06 -0.01 16.50
N TYR A 52 0.82 0.48 17.46
CA TYR A 52 2.05 1.19 17.10
C TYR A 52 3.03 0.29 16.36
N TYR A 53 3.18 -0.95 16.84
CA TYR A 53 4.16 -1.86 16.22
C TYR A 53 3.79 -2.17 14.77
N VAL A 54 2.50 -2.34 14.50
CA VAL A 54 2.04 -2.62 13.15
C VAL A 54 2.49 -1.49 12.23
N ASN A 55 2.34 -0.26 12.71
CA ASN A 55 2.68 0.88 11.88
C ASN A 55 4.17 1.16 11.79
N ILE A 56 4.90 0.84 12.84
CA ILE A 56 6.36 0.85 12.78
C ILE A 56 6.84 -0.11 11.70
N ALA A 57 6.28 -1.32 11.68
CA ALA A 57 6.66 -2.32 10.68
C ALA A 57 6.39 -1.82 9.26
N ILE A 58 5.20 -1.28 9.06
CA ILE A 58 4.80 -0.78 7.75
C ILE A 58 5.80 0.26 7.23
N CYS A 59 6.13 1.23 8.06
CA CYS A 59 7.00 2.32 7.62
C CYS A 59 8.45 1.87 7.46
N THR A 60 8.86 0.90 8.28
CA THR A 60 10.20 0.36 8.17
C THR A 60 10.35 -0.43 6.88
N ILE A 61 9.35 -1.24 6.56
CA ILE A 61 9.37 -2.01 5.31
C ILE A 61 9.38 -1.06 4.10
N ALA A 62 8.54 -0.03 4.15
CA ALA A 62 8.49 0.93 3.04
C ALA A 62 9.82 1.68 2.90
N ALA A 63 10.41 2.08 4.02
CA ALA A 63 11.72 2.74 3.99
C ALA A 63 12.74 1.84 3.31
N THR A 64 12.73 0.56 3.67
CA THR A 64 13.71 -0.37 3.12
C THR A 64 13.52 -0.52 1.60
N ALA A 65 12.27 -0.61 1.16
CA ALA A 65 11.97 -0.72 -0.26
C ALA A 65 12.39 0.54 -1.03
N TYR A 66 12.15 1.72 -0.45
CA TYR A 66 12.52 2.94 -1.14
C TYR A 66 14.04 3.13 -1.17
N TYR A 67 14.72 2.70 -0.13
CA TYR A 67 16.17 2.69 -0.14
C TYR A 67 16.65 1.87 -1.34
N ALA A 68 16.09 0.67 -1.49
CA ALA A 68 16.51 -0.23 -2.57
C ALA A 68 16.22 0.38 -3.93
N MET A 69 15.04 0.98 -4.07
CA MET A 69 14.69 1.60 -5.34
C MET A 69 15.59 2.79 -5.67
N ALA A 70 15.94 3.59 -4.66
CA ALA A 70 16.73 4.79 -4.91
C ALA A 70 18.18 4.44 -5.25
N VAL A 71 18.69 3.40 -4.60
CA VAL A 71 20.06 2.97 -4.83
C VAL A 71 20.23 2.28 -6.19
N ASN A 72 19.22 1.52 -6.61
CA ASN A 72 19.36 0.66 -7.79
C ASN A 72 18.64 1.14 -9.06
N GLY A 73 17.73 2.09 -8.92
CA GLY A 73 16.86 2.50 -10.02
C GLY A 73 17.60 3.01 -11.25
N GLY A 74 18.69 3.73 -11.02
CA GLY A 74 19.50 4.30 -12.10
C GLY A 74 20.20 3.26 -12.94
N ASP A 75 20.22 2.02 -12.48
CA ASP A 75 20.79 0.93 -13.26
C ASP A 75 19.95 0.67 -14.52
N ASN A 76 18.69 1.14 -14.49
CA ASN A 76 17.78 1.04 -15.63
C ASN A 76 17.53 -0.40 -16.08
N LYS A 77 17.41 -1.27 -15.07
CA LYS A 77 17.17 -2.70 -15.25
C LYS A 77 16.34 -3.17 -14.06
N PRO A 78 15.53 -4.22 -14.23
CA PRO A 78 15.25 -4.95 -15.46
C PRO A 78 14.26 -4.21 -16.33
N THR A 79 13.98 -4.75 -17.50
CA THR A 79 13.00 -4.16 -18.40
C THR A 79 12.05 -5.23 -18.92
N ALA A 80 10.93 -4.76 -19.46
CA ALA A 80 10.01 -5.62 -20.18
C ALA A 80 9.70 -4.99 -21.53
N GLY A 81 9.59 -5.82 -22.56
CA GLY A 81 9.35 -5.33 -23.91
C GLY A 81 10.64 -5.13 -24.68
N THR A 82 10.53 -4.96 -25.99
CA THR A 82 11.71 -4.79 -26.83
C THR A 82 11.55 -3.59 -27.75
N GLY A 83 12.66 -3.15 -28.33
CA GLY A 83 12.65 -2.04 -29.27
C GLY A 83 12.01 -0.82 -28.63
N ALA A 84 11.16 -0.15 -29.40
CA ALA A 84 10.56 1.11 -28.96
C ALA A 84 9.64 0.94 -27.76
N ASP A 85 9.22 -0.30 -27.48
CA ASP A 85 8.27 -0.56 -26.40
C ASP A 85 8.94 -1.02 -25.11
N GLU A 86 10.26 -1.08 -25.09
CA GLU A 86 10.99 -1.50 -23.89
C GLU A 86 10.80 -0.49 -22.76
N ARG A 87 10.51 -0.99 -21.57
CA ARG A 87 10.26 -0.13 -20.42
C ARG A 87 10.82 -0.73 -19.13
N GLN A 88 11.43 0.11 -18.31
CA GLN A 88 12.00 -0.36 -17.05
C GLN A 88 10.90 -0.90 -16.15
N VAL A 89 11.18 -2.01 -15.48
CA VAL A 89 10.23 -2.55 -14.50
C VAL A 89 10.81 -2.37 -13.10
N ILE A 90 10.14 -1.56 -12.28
CA ILE A 90 10.53 -1.40 -10.88
C ILE A 90 9.68 -2.36 -10.07
N TYR A 91 10.31 -3.40 -9.54
CA TYR A 91 9.52 -4.46 -8.91
C TYR A 91 9.64 -4.48 -7.38
N ALA A 92 10.58 -3.71 -6.84
CA ALA A 92 10.74 -3.69 -5.38
C ALA A 92 9.47 -3.24 -4.68
N ARG A 93 8.73 -2.34 -5.34
CA ARG A 93 7.48 -1.86 -4.77
C ARG A 93 6.51 -3.00 -4.45
N TYR A 94 6.49 -4.06 -5.28
CA TYR A 94 5.56 -5.17 -5.04
C TYR A 94 5.97 -5.98 -3.80
N ILE A 95 7.27 -6.07 -3.56
CA ILE A 95 7.78 -6.79 -2.38
C ILE A 95 7.36 -6.04 -1.11
N ASP A 96 7.49 -4.72 -1.16
CA ASP A 96 6.93 -3.83 -0.13
C ASP A 96 5.44 -4.18 0.07
N TRP A 97 4.66 -4.07 -1.00
CA TRP A 97 3.20 -4.15 -0.86
C TRP A 97 2.70 -5.49 -0.34
N VAL A 98 3.39 -6.58 -0.67
CA VAL A 98 2.86 -7.88 -0.25
C VAL A 98 2.96 -8.03 1.27
N PHE A 99 3.87 -7.30 1.92
CA PHE A 99 3.90 -7.28 3.38
C PHE A 99 3.11 -6.11 3.98
N THR A 100 3.18 -4.94 3.36
CA THR A 100 2.56 -3.79 4.00
C THR A 100 1.06 -3.68 3.81
N THR A 101 0.54 -4.10 2.65
CA THR A 101 -0.90 -3.96 2.47
C THR A 101 -1.69 -4.89 3.42
N PRO A 102 -1.22 -6.12 3.71
CA PRO A 102 -1.95 -6.82 4.79
C PRO A 102 -1.85 -6.15 6.15
N LEU A 103 -0.70 -5.56 6.46
CA LEU A 103 -0.56 -4.85 7.73
C LEU A 103 -1.46 -3.62 7.80
N LEU A 104 -1.58 -2.91 6.68
CA LEU A 104 -2.50 -1.77 6.63
C LEU A 104 -3.94 -2.19 6.87
N LEU A 105 -4.36 -3.33 6.31
CA LEU A 105 -5.70 -3.84 6.58
C LEU A 105 -5.82 -4.25 8.04
N LEU A 106 -4.77 -4.87 8.56
CA LEU A 106 -4.76 -5.30 9.97
C LEU A 106 -5.01 -4.15 10.93
N ASP A 107 -4.50 -2.95 10.60
CA ASP A 107 -4.77 -1.74 11.39
C ASP A 107 -6.26 -1.60 11.70
N LEU A 108 -7.08 -1.84 10.68
CA LEU A 108 -8.54 -1.70 10.84
C LEU A 108 -9.17 -2.99 11.36
N VAL A 109 -8.64 -4.13 10.92
CA VAL A 109 -9.18 -5.42 11.37
C VAL A 109 -9.13 -5.52 12.89
N LEU A 110 -8.11 -4.91 13.49
CA LEU A 110 -7.95 -4.93 14.95
C LEU A 110 -9.03 -4.17 15.70
N LEU A 111 -9.78 -3.33 14.98
CA LEU A 111 -10.91 -2.60 15.57
C LEU A 111 -12.23 -3.37 15.47
N THR A 112 -12.16 -4.60 14.96
CA THR A 112 -13.37 -5.38 14.68
C THR A 112 -13.35 -6.73 15.38
N ASN A 113 -14.47 -7.44 15.27
CA ASN A 113 -14.55 -8.82 15.71
C ASN A 113 -14.70 -9.76 14.51
N MET A 114 -14.05 -9.43 13.40
CA MET A 114 -14.00 -10.34 12.26
C MET A 114 -13.52 -11.72 12.67
N PRO A 115 -14.25 -12.77 12.26
CA PRO A 115 -13.76 -14.12 12.53
C PRO A 115 -12.54 -14.44 11.66
N ALA A 116 -11.75 -15.41 12.10
CA ALA A 116 -10.51 -15.76 11.40
C ALA A 116 -10.73 -16.16 9.94
N THR A 117 -11.80 -16.91 9.68
CA THR A 117 -12.13 -17.33 8.32
C THR A 117 -12.27 -16.14 7.38
N MET A 118 -12.86 -15.06 7.89
CA MET A 118 -13.10 -13.88 7.10
C MET A 118 -11.81 -13.08 6.86
N ILE A 119 -11.03 -12.90 7.93
CA ILE A 119 -9.73 -12.25 7.83
C ILE A 119 -8.90 -12.99 6.78
N ALA A 120 -9.00 -14.32 6.80
CA ALA A 120 -8.27 -15.17 5.86
C ALA A 120 -8.52 -14.84 4.39
N TRP A 121 -9.78 -14.77 3.94
CA TRP A 121 -9.99 -14.51 2.52
C TRP A 121 -9.79 -13.04 2.13
N ILE A 122 -9.96 -12.13 3.08
CA ILE A 122 -9.62 -10.73 2.82
C ILE A 122 -8.12 -10.59 2.56
N MET A 123 -7.32 -11.15 3.46
CA MET A 123 -5.87 -11.10 3.34
C MET A 123 -5.39 -11.87 2.11
N GLY A 124 -6.05 -12.99 1.83
CA GLY A 124 -5.75 -13.77 0.64
C GLY A 124 -5.99 -12.99 -0.64
N ALA A 125 -7.11 -12.30 -0.71
CA ALA A 125 -7.41 -11.47 -1.89
C ALA A 125 -6.37 -10.38 -2.04
N ASP A 126 -5.99 -9.79 -0.91
CA ASP A 126 -4.98 -8.74 -0.91
C ASP A 126 -3.67 -9.23 -1.49
N ILE A 127 -3.21 -10.38 -1.01
CA ILE A 127 -1.94 -10.93 -1.47
C ILE A 127 -2.02 -11.31 -2.94
N ALA A 128 -3.15 -11.89 -3.35
CA ALA A 128 -3.35 -12.27 -4.74
C ALA A 128 -3.27 -11.04 -5.65
N MET A 129 -3.86 -9.95 -5.17
CA MET A 129 -3.86 -8.68 -5.90
C MET A 129 -2.43 -8.23 -6.26
N ILE A 130 -1.56 -8.27 -5.26
CA ILE A 130 -0.16 -7.87 -5.46
C ILE A 130 0.54 -8.84 -6.42
N ALA A 131 0.29 -10.14 -6.25
CA ALA A 131 0.87 -11.16 -7.14
C ALA A 131 0.48 -10.92 -8.60
N PHE A 132 -0.80 -10.65 -8.85
CA PHE A 132 -1.24 -10.37 -10.20
C PHE A 132 -0.56 -9.12 -10.76
N GLY A 133 -0.34 -8.14 -9.90
CA GLY A 133 0.35 -6.92 -10.30
C GLY A 133 1.76 -7.16 -10.80
N ILE A 134 2.56 -7.90 -10.05
CA ILE A 134 3.95 -8.08 -10.45
C ILE A 134 4.05 -9.01 -11.67
N ILE A 135 3.18 -10.03 -11.73
CA ILE A 135 3.17 -10.88 -12.92
C ILE A 135 2.81 -10.06 -14.15
N GLY A 136 1.78 -9.22 -14.02
CA GLY A 136 1.36 -8.38 -15.13
C GLY A 136 2.46 -7.41 -15.55
N ALA A 137 3.21 -6.90 -14.58
CA ALA A 137 4.26 -5.92 -14.84
C ALA A 137 5.36 -6.47 -15.74
N PHE A 138 5.60 -7.78 -15.63
CA PHE A 138 6.65 -8.43 -16.43
C PHE A 138 6.11 -9.08 -17.71
N THR A 139 4.80 -9.05 -17.89
CA THR A 139 4.16 -9.70 -19.02
C THR A 139 4.16 -8.80 -20.25
N VAL A 140 4.66 -9.32 -21.36
CA VAL A 140 4.66 -8.57 -22.59
C VAL A 140 3.39 -8.89 -23.37
N GLY A 141 2.69 -7.85 -23.81
CA GLY A 141 1.53 -8.06 -24.66
C GLY A 141 0.21 -8.10 -23.92
N SER A 142 -0.84 -8.42 -24.66
CA SER A 142 -2.22 -8.24 -24.21
C SER A 142 -2.63 -9.05 -23.00
N TYR A 143 -1.97 -10.19 -22.77
CA TYR A 143 -2.33 -11.03 -21.62
C TYR A 143 -2.05 -10.37 -20.27
N LYS A 144 -1.25 -9.30 -20.28
CA LYS A 144 -0.97 -8.57 -19.05
C LYS A 144 -2.28 -8.06 -18.46
N TRP A 145 -3.26 -7.80 -19.32
CA TRP A 145 -4.50 -7.20 -18.87
C TRP A 145 -5.42 -8.20 -18.18
N PHE A 146 -5.22 -9.49 -18.44
CA PHE A 146 -5.96 -10.49 -17.69
C PHE A 146 -5.52 -10.45 -16.23
N TYR A 147 -4.22 -10.41 -15.99
CA TYR A 147 -3.72 -10.31 -14.63
C TYR A 147 -4.22 -9.03 -13.98
N PHE A 148 -4.18 -7.94 -14.73
CA PHE A 148 -4.63 -6.66 -14.21
C PHE A 148 -6.08 -6.70 -13.77
N VAL A 149 -6.95 -7.23 -14.63
CA VAL A 149 -8.37 -7.23 -14.33
C VAL A 149 -8.68 -8.13 -13.13
N VAL A 150 -8.06 -9.30 -13.06
CA VAL A 150 -8.31 -10.16 -11.90
C VAL A 150 -7.78 -9.49 -10.62
N GLY A 151 -6.65 -8.78 -10.71
CA GLY A 151 -6.14 -8.05 -9.56
C GLY A 151 -7.12 -6.99 -9.10
N CYS A 152 -7.76 -6.34 -10.06
CA CYS A 152 -8.78 -5.33 -9.73
C CYS A 152 -9.97 -5.96 -9.03
N ILE A 153 -10.37 -7.16 -9.47
CA ILE A 153 -11.47 -7.86 -8.83
C ILE A 153 -11.07 -8.24 -7.40
N MET A 154 -9.80 -8.59 -7.21
CA MET A 154 -9.32 -8.87 -5.85
C MET A 154 -9.42 -7.64 -4.95
N LEU A 155 -9.16 -6.46 -5.51
CA LEU A 155 -9.28 -5.23 -4.73
C LEU A 155 -10.75 -5.06 -4.32
N ALA A 156 -11.66 -5.37 -5.24
CA ALA A 156 -13.07 -5.26 -4.93
C ALA A 156 -13.45 -6.25 -3.82
N VAL A 157 -12.89 -7.46 -3.91
CA VAL A 157 -13.17 -8.49 -2.93
C VAL A 157 -12.71 -8.07 -1.53
N LEU A 158 -11.47 -7.61 -1.41
CA LEU A 158 -10.98 -7.26 -0.09
C LEU A 158 -11.75 -6.05 0.44
N ALA A 159 -12.08 -5.11 -0.45
CA ALA A 159 -12.84 -3.93 -0.04
C ALA A 159 -14.20 -4.33 0.49
N TRP A 160 -14.88 -5.23 -0.22
CA TRP A 160 -16.16 -5.75 0.26
C TRP A 160 -16.06 -6.36 1.65
N GLY A 161 -15.04 -7.18 1.87
CA GLY A 161 -14.85 -7.78 3.18
C GLY A 161 -14.64 -6.75 4.27
N MET A 162 -13.80 -5.75 3.98
CA MET A 162 -13.50 -4.70 4.95
C MET A 162 -14.74 -3.84 5.26
N ILE A 163 -15.65 -3.75 4.29
CA ILE A 163 -16.83 -2.91 4.46
C ILE A 163 -17.86 -3.58 5.38
N ASN A 164 -17.88 -4.91 5.43
CA ASN A 164 -18.94 -5.61 6.16
C ASN A 164 -19.07 -5.26 7.66
N PRO A 165 -17.95 -5.08 8.39
CA PRO A 165 -18.12 -4.70 9.79
C PRO A 165 -18.78 -3.34 10.00
N ILE A 166 -18.93 -2.56 8.93
CA ILE A 166 -19.60 -1.28 9.06
C ILE A 166 -21.08 -1.48 9.38
N PHE A 167 -21.71 -2.49 8.78
CA PHE A 167 -23.16 -2.65 8.92
C PHE A 167 -23.59 -4.01 9.44
N LYS A 168 -22.63 -4.86 9.78
CA LYS A 168 -22.92 -6.12 10.46
C LYS A 168 -22.46 -6.03 11.91
N GLU A 169 -23.41 -5.84 12.81
CA GLU A 169 -23.06 -5.58 14.22
C GLU A 169 -22.38 -6.78 14.86
N GLU A 170 -22.60 -7.98 14.32
CA GLU A 170 -21.96 -9.17 14.84
C GLU A 170 -20.45 -9.18 14.56
N LEU A 171 -20.02 -8.29 13.68
CA LEU A 171 -18.60 -8.17 13.32
C LEU A 171 -17.94 -7.01 14.05
N GLN A 172 -18.71 -6.31 14.87
CA GLN A 172 -18.23 -5.12 15.56
C GLN A 172 -17.76 -5.39 16.99
N LYS A 173 -16.73 -4.66 17.41
CA LYS A 173 -16.31 -4.66 18.81
C LYS A 173 -17.22 -3.74 19.62
N HIS A 174 -17.29 -2.49 19.16
CA HIS A 174 -18.17 -1.50 19.74
C HIS A 174 -18.82 -0.70 18.63
N LYS A 175 -20.13 -0.50 18.73
CA LYS A 175 -20.87 0.23 17.70
C LYS A 175 -20.35 1.67 17.61
N GLU A 176 -19.78 2.15 18.71
CA GLU A 176 -19.24 3.50 18.77
C GLU A 176 -17.97 3.67 17.93
N TYR A 177 -17.33 2.56 17.54
CA TYR A 177 -16.12 2.61 16.72
C TYR A 177 -16.44 2.83 15.26
N THR A 178 -17.72 2.67 14.91
CA THR A 178 -18.10 2.57 13.51
C THR A 178 -17.73 3.80 12.71
N GLY A 179 -17.93 4.98 13.28
CA GLY A 179 -17.58 6.21 12.58
C GLY A 179 -16.12 6.30 12.14
N ALA A 180 -15.22 6.04 13.08
CA ALA A 180 -13.79 6.12 12.79
C ALA A 180 -13.38 5.02 11.83
N TYR A 181 -13.91 3.82 12.06
CA TYR A 181 -13.61 2.70 11.19
C TYR A 181 -14.02 3.01 9.75
N THR A 182 -15.24 3.53 9.61
CA THR A 182 -15.78 3.87 8.31
C THR A 182 -14.93 4.92 7.61
N THR A 183 -14.60 5.97 8.33
CA THR A 183 -13.85 7.10 7.77
C THR A 183 -12.46 6.66 7.33
N LEU A 184 -11.75 5.92 8.19
CA LEU A 184 -10.42 5.43 7.83
C LEU A 184 -10.47 4.47 6.64
N LEU A 185 -11.51 3.63 6.60
CA LEU A 185 -11.60 2.63 5.54
C LEU A 185 -11.89 3.30 4.19
N ILE A 186 -12.75 4.30 4.21
CA ILE A 186 -13.04 5.01 2.94
C ILE A 186 -11.78 5.72 2.43
N TYR A 187 -11.06 6.38 3.33
CA TYR A 187 -9.77 6.98 3.01
C TYR A 187 -8.85 5.94 2.36
N LEU A 188 -8.75 4.77 2.98
CA LEU A 188 -7.90 3.71 2.45
C LEU A 188 -8.35 3.28 1.05
N ILE A 189 -9.64 3.04 0.87
CA ILE A 189 -10.14 2.52 -0.40
C ILE A 189 -9.91 3.53 -1.50
N VAL A 190 -10.15 4.80 -1.20
CA VAL A 190 -9.92 5.86 -2.19
C VAL A 190 -8.46 5.85 -2.68
N LEU A 191 -7.53 5.81 -1.73
CA LEU A 191 -6.12 5.80 -2.09
C LEU A 191 -5.75 4.54 -2.86
N TRP A 192 -6.21 3.39 -2.38
CA TRP A 192 -5.80 2.13 -2.97
C TRP A 192 -6.28 2.00 -4.41
N VAL A 193 -7.45 2.55 -4.72
CA VAL A 193 -7.97 2.49 -6.10
C VAL A 193 -7.06 3.26 -7.07
N ILE A 194 -6.30 4.24 -6.57
CA ILE A 194 -5.45 5.01 -7.49
C ILE A 194 -4.27 4.16 -7.96
N TYR A 195 -3.82 3.21 -7.15
CA TYR A 195 -2.66 2.41 -7.56
C TYR A 195 -2.88 1.65 -8.89
N PRO A 196 -4.02 0.94 -9.05
CA PRO A 196 -4.17 0.29 -10.37
C PRO A 196 -4.37 1.27 -11.52
N ILE A 197 -4.82 2.49 -11.23
CA ILE A 197 -4.90 3.47 -12.31
C ILE A 197 -3.48 3.83 -12.78
N VAL A 198 -2.61 4.10 -11.82
CA VAL A 198 -1.22 4.37 -12.14
C VAL A 198 -0.58 3.19 -12.88
N TRP A 199 -0.86 1.98 -12.41
CA TRP A 199 -0.34 0.78 -13.04
C TRP A 199 -0.83 0.67 -14.48
N GLY A 200 -2.13 0.83 -14.68
CA GLY A 200 -2.70 0.71 -16.00
C GLY A 200 -2.08 1.71 -16.97
N LEU A 201 -1.81 2.92 -16.48
CA LEU A 201 -1.24 3.96 -17.34
C LEU A 201 0.26 3.75 -17.59
N GLY A 202 0.95 3.15 -16.63
CA GLY A 202 2.40 3.06 -16.70
C GLY A 202 2.87 1.66 -17.04
N ALA A 203 3.00 0.82 -16.01
CA ALA A 203 3.46 -0.56 -16.17
C ALA A 203 2.68 -1.31 -17.25
N GLY A 204 1.38 -1.04 -17.32
CA GLY A 204 0.52 -1.73 -18.27
C GLY A 204 0.53 -1.08 -19.64
N GLY A 205 0.05 0.16 -19.70
CA GLY A 205 -0.22 0.81 -20.97
C GLY A 205 0.91 1.60 -21.60
N HIS A 206 1.98 1.86 -20.86
CA HIS A 206 3.11 2.67 -21.35
C HIS A 206 2.65 4.04 -21.86
N ILE A 207 1.70 4.62 -21.14
CA ILE A 207 1.14 5.92 -21.46
C ILE A 207 1.87 7.01 -20.67
N ILE A 208 2.32 6.65 -19.47
CA ILE A 208 3.10 7.57 -18.63
C ILE A 208 4.47 6.97 -18.36
N GLY A 209 5.46 7.84 -18.20
CA GLY A 209 6.82 7.42 -17.99
C GLY A 209 7.10 6.90 -16.58
N VAL A 210 8.32 6.40 -16.41
CA VAL A 210 8.72 5.75 -15.16
C VAL A 210 8.88 6.76 -14.02
N ASP A 211 9.53 7.89 -14.28
CA ASP A 211 9.65 8.93 -13.26
C ASP A 211 8.27 9.38 -12.77
N VAL A 212 7.34 9.57 -13.70
CA VAL A 212 5.98 9.99 -13.33
C VAL A 212 5.30 8.95 -12.44
N GLU A 213 5.40 7.67 -12.81
N GLU A 213 5.44 7.69 -12.82
CA GLU A 213 4.80 6.62 -11.99
CA GLU A 213 4.88 6.57 -12.07
C GLU A 213 5.46 6.59 -10.61
C GLU A 213 5.47 6.56 -10.65
N ILE A 214 6.77 6.81 -10.56
CA ILE A 214 7.48 6.82 -9.28
C ILE A 214 6.95 7.91 -8.39
N ILE A 215 6.79 9.10 -8.95
CA ILE A 215 6.33 10.24 -8.19
C ILE A 215 4.89 10.04 -7.73
N ALA A 216 4.03 9.54 -8.62
CA ALA A 216 2.63 9.30 -8.25
C ALA A 216 2.53 8.33 -7.08
N MET A 217 3.26 7.22 -7.15
CA MET A 217 3.14 6.23 -6.09
C MET A 217 3.89 6.67 -4.84
N GLY A 218 4.87 7.56 -4.99
CA GLY A 218 5.52 8.12 -3.82
C GLY A 218 4.53 8.93 -3.00
N ILE A 219 3.74 9.75 -3.70
CA ILE A 219 2.70 10.54 -3.04
C ILE A 219 1.68 9.61 -2.39
N LEU A 220 1.18 8.63 -3.14
CA LEU A 220 0.20 7.69 -2.60
C LEU A 220 0.75 6.97 -1.39
N ASP A 221 2.01 6.55 -1.45
CA ASP A 221 2.59 5.80 -0.34
C ASP A 221 2.68 6.64 0.93
N LEU A 222 3.02 7.92 0.78
CA LEU A 222 3.07 8.79 1.95
C LEU A 222 1.69 8.96 2.58
N LEU A 223 0.67 9.07 1.73
CA LEU A 223 -0.71 9.21 2.20
C LEU A 223 -1.22 7.90 2.82
N ALA A 224 -0.86 6.79 2.18
CA ALA A 224 -1.39 5.49 2.55
C ALA A 224 -0.65 4.82 3.70
N LYS A 225 0.56 5.29 4.03
CA LYS A 225 1.32 4.66 5.10
C LYS A 225 1.49 5.62 6.30
N PRO A 226 2.45 6.58 6.27
CA PRO A 226 2.58 7.29 7.56
C PRO A 226 1.38 8.18 7.90
N LEU A 227 0.74 8.81 6.92
CA LEU A 227 -0.40 9.67 7.26
C LEU A 227 -1.59 8.84 7.74
N TYR A 228 -1.90 7.78 7.00
CA TYR A 228 -2.89 6.80 7.45
C TYR A 228 -2.58 6.28 8.86
N ALA A 229 -1.31 5.95 9.10
CA ALA A 229 -0.92 5.44 10.42
C ALA A 229 -1.25 6.44 11.51
N ILE A 230 -0.97 7.72 11.26
CA ILE A 230 -1.27 8.75 12.25
C ILE A 230 -2.78 8.76 12.54
N GLY A 231 -3.59 8.60 11.50
CA GLY A 231 -5.03 8.56 11.68
C GLY A 231 -5.47 7.38 12.53
N VAL A 232 -4.89 6.23 12.26
CA VAL A 232 -5.20 5.02 13.01
C VAL A 232 -4.78 5.18 14.48
N LEU A 233 -3.59 5.74 14.67
CA LEU A 233 -3.04 5.86 16.02
C LEU A 233 -3.85 6.85 16.85
N ILE A 234 -4.23 7.97 16.23
CA ILE A 234 -5.12 8.92 16.89
C ILE A 234 -6.42 8.24 17.29
N THR A 235 -6.98 7.47 16.36
CA THR A 235 -8.23 6.78 16.61
C THR A 235 -8.17 5.84 17.81
N VAL A 236 -7.15 5.00 17.86
CA VAL A 236 -7.08 4.03 18.95
C VAL A 236 -6.79 4.71 20.29
N GLU A 237 -6.01 5.80 20.25
CA GLU A 237 -5.76 6.57 21.46
C GLU A 237 -7.03 7.22 22.00
N VAL A 238 -7.81 7.82 21.11
CA VAL A 238 -9.03 8.50 21.52
C VAL A 238 -10.02 7.48 22.06
N VAL A 239 -10.15 6.37 21.35
CA VAL A 239 -11.09 5.33 21.77
C VAL A 239 -10.73 4.76 23.13
N TYR A 240 -9.45 4.43 23.30
CA TYR A 240 -8.99 3.84 24.54
C TYR A 240 -9.14 4.82 25.71
N GLY A 241 -8.91 6.10 25.42
CA GLY A 241 -9.03 7.12 26.43
C GLY A 241 -10.46 7.33 26.91
N LYS A 242 -11.44 6.86 26.15
CA LYS A 242 -12.83 7.07 26.53
C LYS A 242 -13.55 5.80 26.99
N LEU A 243 -12.98 4.64 26.70
CA LEU A 243 -13.52 3.38 27.21
C LEU A 243 -12.46 2.28 27.20
#